data_9F32
#
_entry.id   9F32
#
_cell.length_a   43.921
_cell.length_b   56.946
_cell.length_c   115.825
_cell.angle_alpha   90.00
_cell.angle_beta   90.00
_cell.angle_gamma   90.00
#
_symmetry.space_group_name_H-M   'P 21 21 21'
#
loop_
_entity.id
_entity.type
_entity.pdbx_description
1 polymer 'Serine/threonine-protein kinase ULK1'
2 non-polymer N-[4-(1H-indazol-5-yl)phenyl]propanamide
3 water water
#
_entity_poly.entity_id   1
_entity_poly.type   'polypeptide(L)'
_entity_poly.pdbx_seq_one_letter_code
;GSMEPGRGGTETVGKFEFSRKDLIGHGAFAVVFKGRHREKHDLEVAVKCINKKNLAKSQTLLGKEIKILKELKHENIVAL
YDFQEMANSVYLVMEYCNGGDLADYLHAMRTLSEDTIRLFLQQIAGAMRLLHSKGIIHRDLKPQNILLSNPAGRRANPNS
IRVKIADFGFARYLQSNMMAATLCGSPMYMAPEVIMSQHYDGKADLWSIGTIVYQCLTGKAPFQASSPQDLRLFYEKNKT
LVPTIPRETSAPLRQLLLALLQRNHKDRMDFDEFFHHPFLDASPS
;
_entity_poly.pdbx_strand_id   A
#
# COMPACT_ATOMS: atom_id res chain seq x y z
N THR A 10 -19.50 22.34 9.75
CA THR A 10 -18.42 21.67 10.51
C THR A 10 -19.02 20.50 11.28
N GLU A 11 -18.50 19.29 11.05
CA GLU A 11 -18.93 18.07 11.79
C GLU A 11 -17.79 17.68 12.73
N THR A 12 -18.09 16.87 13.73
CA THR A 12 -17.12 16.49 14.78
C THR A 12 -17.14 14.98 14.96
N VAL A 13 -15.96 14.43 15.23
CA VAL A 13 -15.74 13.03 15.68
C VAL A 13 -14.83 13.11 16.90
N GLY A 14 -15.32 12.72 18.09
CA GLY A 14 -14.59 12.96 19.34
C GLY A 14 -14.02 14.37 19.32
N LYS A 15 -12.72 14.54 19.46
CA LYS A 15 -12.05 15.87 19.61
C LYS A 15 -11.65 16.46 18.25
N PHE A 16 -12.19 15.90 17.17
CA PHE A 16 -11.79 16.30 15.80
C PHE A 16 -12.98 16.89 15.06
N GLU A 17 -12.68 17.76 14.09
CA GLU A 17 -13.72 18.39 13.22
C GLU A 17 -13.26 18.36 11.77
N PHE A 18 -14.22 18.48 10.86
CA PHE A 18 -13.96 18.50 9.41
C PHE A 18 -15.18 19.09 8.69
N SER A 19 -14.97 19.63 7.49
CA SER A 19 -16.04 20.01 6.55
C SER A 19 -16.00 19.10 5.32
N ARG A 20 -17.18 18.67 4.86
CA ARG A 20 -17.35 17.89 3.61
C ARG A 20 -16.90 18.68 2.39
N LYS A 21 -16.56 19.96 2.57
CA LYS A 21 -16.05 20.81 1.47
C LYS A 21 -14.59 20.45 1.19
N ASP A 22 -13.88 19.87 2.18
CA ASP A 22 -12.41 19.62 2.08
C ASP A 22 -12.15 18.15 1.75
N LEU A 23 -12.55 17.73 0.55
CA LEU A 23 -12.46 16.34 0.08
C LEU A 23 -11.02 16.05 -0.35
N ILE A 24 -10.45 14.97 0.17
CA ILE A 24 -9.04 14.52 -0.04
C ILE A 24 -9.08 13.44 -1.12
N GLY A 25 -10.06 12.54 -1.04
CA GLY A 25 -10.15 11.40 -1.94
C GLY A 25 -11.38 10.54 -1.71
N HIS A 26 -11.50 9.53 -2.56
CA HIS A 26 -12.58 8.51 -2.56
C HIS A 26 -11.94 7.13 -2.56
N GLY A 27 -12.56 6.20 -1.84
CA GLY A 27 -12.24 4.76 -1.85
C GLY A 27 -13.47 3.95 -2.19
N ALA A 28 -13.46 2.68 -1.81
CA ALA A 28 -14.63 1.76 -1.87
C ALA A 28 -15.74 2.31 -0.96
N PHE A 29 -16.82 2.86 -1.54
CA PHE A 29 -17.99 3.40 -0.79
C PHE A 29 -17.50 4.29 0.37
N ALA A 30 -16.35 4.94 0.21
CA ALA A 30 -15.72 5.79 1.25
C ALA A 30 -15.29 7.13 0.68
N VAL A 31 -15.30 8.16 1.53
CA VAL A 31 -14.72 9.48 1.15
C VAL A 31 -13.78 9.93 2.27
N VAL A 32 -12.77 10.70 1.92
CA VAL A 32 -11.75 11.18 2.89
C VAL A 32 -11.77 12.70 2.83
N PHE A 33 -11.96 13.33 3.99
CA PHE A 33 -11.99 14.80 4.18
C PHE A 33 -10.77 15.20 5.00
N LYS A 34 -10.27 16.41 4.78
CA LYS A 34 -9.26 17.02 5.67
C LYS A 34 -10.00 17.60 6.88
N GLY A 35 -9.42 17.44 8.05
CA GLY A 35 -9.99 17.98 9.29
C GLY A 35 -8.88 18.38 10.23
N ARG A 36 -9.23 18.60 11.48
CA ARG A 36 -8.23 19.11 12.45
C ARG A 36 -8.74 18.83 13.86
N HIS A 37 -7.84 18.87 14.84
CA HIS A 37 -8.18 18.76 16.28
C HIS A 37 -8.98 20.04 16.61
N ARG A 38 -10.13 19.90 17.25
CA ARG A 38 -11.01 21.04 17.64
C ARG A 38 -10.26 22.03 18.54
N GLU A 39 -9.31 21.58 19.35
CA GLU A 39 -8.53 22.44 20.30
C GLU A 39 -7.21 22.90 19.66
N LYS A 40 -6.45 21.97 19.05
CA LYS A 40 -5.14 22.25 18.40
C LYS A 40 -5.33 22.26 16.88
N HIS A 41 -5.63 23.44 16.32
CA HIS A 41 -6.01 23.60 14.88
C HIS A 41 -4.80 23.29 13.99
N ASP A 42 -3.61 23.26 14.59
CA ASP A 42 -2.30 22.88 13.99
C ASP A 42 -2.27 21.41 13.60
N LEU A 43 -2.83 20.53 14.44
CA LEU A 43 -2.82 19.07 14.21
C LEU A 43 -3.90 18.72 13.18
N GLU A 44 -3.48 18.49 11.93
CA GLU A 44 -4.37 18.16 10.79
C GLU A 44 -4.63 16.65 10.77
N VAL A 45 -5.81 16.25 10.30
CA VAL A 45 -6.18 14.81 10.22
C VAL A 45 -6.89 14.59 8.87
N ALA A 46 -6.92 13.33 8.46
CA ALA A 46 -7.79 12.81 7.39
C ALA A 46 -8.97 12.09 8.07
N VAL A 47 -10.20 12.45 7.72
CA VAL A 47 -11.39 11.75 8.25
C VAL A 47 -11.96 10.92 7.11
N LYS A 48 -12.03 9.61 7.32
CA LYS A 48 -12.56 8.66 6.34
C LYS A 48 -13.99 8.37 6.76
N CYS A 49 -14.95 8.65 5.87
N CYS A 49 -14.95 8.62 5.86
CA CYS A 49 -16.39 8.32 6.05
CA CYS A 49 -16.38 8.30 6.07
C CYS A 49 -16.75 7.10 5.19
C CYS A 49 -16.73 7.09 5.20
N ILE A 50 -17.07 5.98 5.83
CA ILE A 50 -17.45 4.72 5.12
C ILE A 50 -18.95 4.54 5.18
N ASN A 51 -19.57 4.34 4.02
CA ASN A 51 -21.00 3.97 3.90
C ASN A 51 -21.14 2.47 4.17
N LYS A 52 -21.95 2.09 5.16
CA LYS A 52 -22.28 0.65 5.37
C LYS A 52 -23.09 0.13 4.18
N LYS A 53 -24.13 0.86 3.75
CA LYS A 53 -24.95 0.57 2.54
C LYS A 53 -25.51 -0.86 2.60
N LYS A 67 -10.00 -1.14 15.96
CA LYS A 67 -9.68 -2.58 15.96
C LYS A 67 -8.47 -2.82 16.90
N ILE A 68 -7.39 -3.43 16.41
CA ILE A 68 -6.03 -3.36 17.00
C ILE A 68 -5.33 -2.13 16.40
N LEU A 69 -5.86 -1.68 15.26
CA LEU A 69 -5.32 -0.54 14.48
C LEU A 69 -5.17 0.67 15.39
N LYS A 70 -6.16 0.93 16.26
CA LYS A 70 -6.16 2.15 17.10
C LYS A 70 -4.87 2.13 17.92
N GLU A 71 -4.48 0.96 18.42
CA GLU A 71 -3.25 0.84 19.27
C GLU A 71 -2.06 0.46 18.37
N LEU A 72 -2.28 -0.22 17.24
CA LEU A 72 -1.20 -0.47 16.24
C LEU A 72 -0.48 0.86 15.96
N LYS A 73 0.85 0.91 16.14
CA LYS A 73 1.62 2.18 16.07
C LYS A 73 2.97 1.92 15.41
N HIS A 74 3.25 2.59 14.29
CA HIS A 74 4.55 2.52 13.56
C HIS A 74 4.72 3.81 12.76
N GLU A 75 5.94 4.27 12.62
CA GLU A 75 6.29 5.46 11.81
C GLU A 75 5.89 5.25 10.31
N ASN A 76 5.76 4.01 9.83
CA ASN A 76 5.44 3.72 8.40
C ASN A 76 4.00 3.23 8.25
N ILE A 77 3.18 3.46 9.28
CA ILE A 77 1.74 3.13 9.21
C ILE A 77 0.99 4.41 9.57
N VAL A 78 0.00 4.76 8.73
CA VAL A 78 -0.91 5.89 9.04
C VAL A 78 -1.58 5.56 10.38
N ALA A 79 -1.32 6.34 11.42
CA ALA A 79 -1.97 6.18 12.75
C ALA A 79 -3.49 6.42 12.64
N LEU A 80 -4.25 5.60 13.36
CA LEU A 80 -5.69 5.77 13.63
C LEU A 80 -5.82 6.51 14.97
N TYR A 81 -6.29 7.76 14.97
CA TYR A 81 -6.43 8.57 16.20
C TYR A 81 -7.76 8.28 16.88
N ASP A 82 -8.80 7.95 16.12
CA ASP A 82 -10.18 7.78 16.64
C ASP A 82 -11.07 7.11 15.59
N PHE A 83 -12.16 6.49 16.01
CA PHE A 83 -13.17 5.84 15.15
C PHE A 83 -14.53 5.99 15.81
N GLN A 84 -15.63 5.76 15.08
CA GLN A 84 -17.01 6.02 15.57
C GLN A 84 -17.96 5.32 14.62
N GLU A 85 -18.55 4.19 15.04
CA GLU A 85 -19.57 3.51 14.21
C GLU A 85 -20.89 4.22 14.48
N MET A 86 -21.62 4.57 13.43
CA MET A 86 -22.98 5.12 13.62
C MET A 86 -23.88 4.02 13.08
N ALA A 87 -25.14 4.31 12.76
CA ALA A 87 -26.02 3.21 12.34
C ALA A 87 -25.67 2.77 10.91
N ASN A 88 -25.49 3.74 10.01
CA ASN A 88 -25.22 3.42 8.58
C ASN A 88 -23.86 3.95 8.16
N SER A 89 -23.07 4.48 9.10
CA SER A 89 -21.79 5.13 8.73
C SER A 89 -20.67 4.77 9.70
N VAL A 90 -19.42 4.83 9.24
CA VAL A 90 -18.25 4.61 10.14
C VAL A 90 -17.21 5.69 9.85
N TYR A 91 -16.67 6.34 10.88
CA TYR A 91 -15.70 7.44 10.73
C TYR A 91 -14.37 7.02 11.37
N LEU A 92 -13.30 7.09 10.58
CA LEU A 92 -11.91 6.90 11.05
C LEU A 92 -11.22 8.26 11.02
N VAL A 93 -10.61 8.67 12.11
CA VAL A 93 -9.76 9.90 12.19
C VAL A 93 -8.32 9.41 12.09
N MET A 94 -7.63 9.82 11.04
CA MET A 94 -6.30 9.25 10.73
C MET A 94 -5.29 10.37 10.72
N GLU A 95 -4.03 10.04 10.95
CA GLU A 95 -2.84 10.89 10.70
C GLU A 95 -2.94 11.49 9.30
N TYR A 96 -2.77 12.80 9.19
CA TYR A 96 -2.71 13.52 7.90
C TYR A 96 -1.29 13.40 7.29
N CYS A 97 -1.19 12.90 6.05
CA CYS A 97 0.07 12.81 5.26
C CYS A 97 0.05 13.85 4.14
N ASN A 98 1.06 14.72 4.08
CA ASN A 98 1.11 15.99 3.31
C ASN A 98 1.72 15.82 1.90
N GLY A 99 2.25 14.65 1.58
CA GLY A 99 3.12 14.50 0.39
C GLY A 99 2.40 13.83 -0.76
N GLY A 100 1.09 13.58 -0.67
CA GLY A 100 0.39 12.80 -1.72
C GLY A 100 0.76 11.31 -1.62
N ASP A 101 0.62 10.56 -2.72
CA ASP A 101 0.77 9.08 -2.72
C ASP A 101 1.86 8.66 -3.69
N LEU A 102 2.30 7.40 -3.64
CA LEU A 102 3.37 6.88 -4.50
C LEU A 102 2.94 7.02 -5.96
N ALA A 103 1.66 6.86 -6.23
CA ALA A 103 1.13 6.95 -7.61
C ALA A 103 1.55 8.29 -8.20
N ASP A 104 1.31 9.39 -7.47
CA ASP A 104 1.64 10.76 -7.91
C ASP A 104 3.15 10.88 -8.05
N TYR A 105 3.90 10.41 -7.06
CA TYR A 105 5.37 10.50 -7.13
C TYR A 105 5.88 9.79 -8.39
N LEU A 106 5.37 8.58 -8.66
CA LEU A 106 5.88 7.74 -9.77
C LEU A 106 5.50 8.40 -11.09
N HIS A 107 4.31 8.98 -11.16
CA HIS A 107 3.87 9.74 -12.36
C HIS A 107 4.85 10.88 -12.64
N ALA A 108 5.26 11.62 -11.61
CA ALA A 108 6.24 12.72 -11.75
C ALA A 108 7.63 12.20 -12.14
N MET A 109 8.16 11.19 -11.46
CA MET A 109 9.56 10.76 -11.62
C MET A 109 9.68 9.70 -12.73
N ARG A 110 8.57 9.06 -13.07
CA ARG A 110 8.47 7.93 -14.02
C ARG A 110 9.11 6.67 -13.42
N THR A 111 10.39 6.70 -13.06
CA THR A 111 11.06 5.55 -12.40
C THR A 111 11.83 6.08 -11.20
N LEU A 112 12.27 5.20 -10.31
CA LEU A 112 13.14 5.60 -9.19
C LEU A 112 14.46 4.84 -9.29
N SER A 113 15.55 5.38 -8.73
CA SER A 113 16.85 4.67 -8.60
C SER A 113 16.68 3.44 -7.70
N GLU A 114 17.58 2.46 -7.83
CA GLU A 114 17.60 1.29 -6.91
C GLU A 114 17.76 1.77 -5.46
N ASP A 115 18.60 2.78 -5.22
CA ASP A 115 18.87 3.30 -3.85
C ASP A 115 17.59 3.90 -3.25
N THR A 116 16.76 4.62 -4.04
CA THR A 116 15.47 5.16 -3.56
C THR A 116 14.50 3.99 -3.31
N ILE A 117 14.42 3.03 -4.25
CA ILE A 117 13.58 1.81 -4.10
C ILE A 117 13.96 1.15 -2.78
N ARG A 118 15.25 0.99 -2.51
CA ARG A 118 15.74 0.28 -1.31
C ARG A 118 15.25 1.03 -0.06
N LEU A 119 15.38 2.36 -0.01
CA LEU A 119 14.91 3.21 1.14
C LEU A 119 13.40 3.08 1.32
N PHE A 120 12.64 3.12 0.22
CA PHE A 120 11.18 2.92 0.24
C PHE A 120 10.87 1.52 0.80
N LEU A 121 11.57 0.51 0.30
CA LEU A 121 11.24 -0.90 0.63
C LEU A 121 11.59 -1.21 2.08
N GLN A 122 12.67 -0.64 2.60
CA GLN A 122 13.03 -0.81 4.02
C GLN A 122 11.84 -0.36 4.88
N GLN A 123 11.23 0.77 4.52
CA GLN A 123 10.13 1.36 5.31
C GLN A 123 8.90 0.46 5.21
N ILE A 124 8.57 0.02 4.00
CA ILE A 124 7.38 -0.86 3.78
C ILE A 124 7.59 -2.16 4.55
N ALA A 125 8.80 -2.71 4.50
CA ALA A 125 9.14 -3.99 5.15
C ALA A 125 8.94 -3.87 6.66
N GLY A 126 9.36 -2.76 7.26
CA GLY A 126 9.16 -2.52 8.69
C GLY A 126 7.68 -2.51 9.03
N ALA A 127 6.89 -1.74 8.30
CA ALA A 127 5.43 -1.62 8.51
C ALA A 127 4.80 -3.00 8.37
N MET A 128 5.15 -3.72 7.31
CA MET A 128 4.54 -5.02 7.00
C MET A 128 4.92 -6.03 8.10
N ARG A 129 6.12 -5.93 8.67
CA ARG A 129 6.56 -6.87 9.72
C ARG A 129 5.60 -6.77 10.92
N LEU A 130 5.23 -5.54 11.30
CA LEU A 130 4.32 -5.32 12.45
C LEU A 130 2.96 -5.94 12.13
N LEU A 131 2.47 -5.73 10.92
CA LEU A 131 1.16 -6.28 10.46
C LEU A 131 1.22 -7.79 10.42
N HIS A 132 2.30 -8.35 9.86
CA HIS A 132 2.52 -9.82 9.85
C HIS A 132 2.55 -10.35 11.30
N SER A 133 3.18 -9.61 12.21
CA SER A 133 3.28 -9.98 13.66
C SER A 133 1.87 -10.14 14.24
N LYS A 134 0.94 -9.29 13.85
CA LYS A 134 -0.43 -9.26 14.44
C LYS A 134 -1.39 -10.07 13.57
N GLY A 135 -0.84 -10.87 12.64
CA GLY A 135 -1.64 -11.67 11.69
C GLY A 135 -2.52 -10.81 10.78
N ILE A 136 -2.22 -9.52 10.58
CA ILE A 136 -3.03 -8.64 9.70
C ILE A 136 -2.50 -8.72 8.27
N ILE A 137 -3.39 -8.90 7.30
CA ILE A 137 -3.05 -8.92 5.84
C ILE A 137 -3.79 -7.77 5.18
N HIS A 138 -3.07 -6.90 4.46
CA HIS A 138 -3.60 -5.67 3.83
C HIS A 138 -4.60 -6.08 2.75
N ARG A 139 -4.14 -6.85 1.74
CA ARG A 139 -5.02 -7.41 0.67
C ARG A 139 -5.16 -6.47 -0.53
N ASP A 140 -4.94 -5.18 -0.33
CA ASP A 140 -5.15 -4.21 -1.44
C ASP A 140 -4.05 -3.17 -1.39
N LEU A 141 -2.81 -3.61 -1.17
CA LEU A 141 -1.63 -2.71 -1.26
C LEU A 141 -1.49 -2.23 -2.70
N LYS A 142 -1.35 -0.92 -2.89
CA LYS A 142 -1.15 -0.32 -4.22
C LYS A 142 -0.59 1.09 -4.05
N PRO A 143 -0.07 1.71 -5.13
CA PRO A 143 0.61 3.00 -5.00
C PRO A 143 -0.29 4.08 -4.38
N GLN A 144 -1.59 4.00 -4.64
CA GLN A 144 -2.54 5.04 -4.12
C GLN A 144 -2.79 4.85 -2.61
N ASN A 145 -2.42 3.72 -2.02
CA ASN A 145 -2.55 3.45 -0.56
C ASN A 145 -1.21 3.64 0.15
N ILE A 146 -0.13 3.91 -0.59
CA ILE A 146 1.21 4.19 0.01
C ILE A 146 1.41 5.68 0.00
N LEU A 147 1.32 6.32 1.15
CA LEU A 147 1.32 7.79 1.23
C LEU A 147 2.72 8.27 1.60
N LEU A 148 3.07 9.44 1.09
CA LEU A 148 4.35 10.10 1.39
C LEU A 148 4.12 11.24 2.39
N SER A 149 5.04 11.38 3.34
CA SER A 149 5.07 12.50 4.30
C SER A 149 6.44 13.18 4.22
N ASN A 150 6.46 14.43 3.78
CA ASN A 150 7.67 15.28 3.89
C ASN A 150 7.60 15.97 5.25
N PRO A 151 8.71 16.01 6.02
CA PRO A 151 8.75 16.68 7.32
C PRO A 151 7.74 17.82 7.55
N ASN A 159 16.70 10.04 0.09
CA ASN A 159 15.58 10.96 0.43
C ASN A 159 15.35 10.96 1.95
N SER A 160 14.69 12.01 2.45
CA SER A 160 14.09 12.07 3.81
C SER A 160 12.60 11.72 3.72
N ILE A 161 12.08 11.46 2.50
CA ILE A 161 10.66 11.04 2.24
C ILE A 161 10.31 9.84 3.14
N ARG A 162 9.30 9.99 3.98
CA ARG A 162 8.71 8.89 4.80
C ARG A 162 7.48 8.34 4.05
N VAL A 163 7.39 7.01 3.96
CA VAL A 163 6.22 6.33 3.35
C VAL A 163 5.36 5.84 4.53
N LYS A 164 4.06 5.94 4.38
CA LYS A 164 3.08 5.41 5.36
C LYS A 164 2.03 4.63 4.60
N ILE A 165 1.83 3.40 5.01
CA ILE A 165 0.74 2.55 4.48
C ILE A 165 -0.58 2.94 5.13
N ALA A 166 -1.60 3.07 4.29
CA ALA A 166 -2.99 3.46 4.61
C ALA A 166 -3.92 2.31 4.23
N ASP A 167 -5.13 2.33 4.80
CA ASP A 167 -6.27 1.42 4.46
C ASP A 167 -6.00 0.05 5.10
N PHE A 168 -5.02 -0.10 5.98
CA PHE A 168 -4.84 -1.34 6.79
C PHE A 168 -5.90 -1.37 7.89
N CYS A 184 -8.69 4.01 -6.22
CA CYS A 184 -8.75 2.53 -6.05
C CYS A 184 -9.10 1.95 -7.44
N GLY A 185 -9.84 0.85 -7.55
CA GLY A 185 -10.29 0.30 -8.85
C GLY A 185 -9.22 -0.47 -9.63
N SER A 186 -7.91 -0.17 -9.47
CA SER A 186 -6.79 -0.79 -10.24
C SER A 186 -6.50 -2.21 -9.76
N PRO A 187 -6.69 -3.26 -10.60
CA PRO A 187 -6.45 -4.64 -10.18
C PRO A 187 -5.04 -5.18 -10.44
N MET A 188 -4.19 -4.37 -11.08
CA MET A 188 -2.80 -4.73 -11.46
C MET A 188 -1.96 -5.16 -10.25
N TYR A 189 -2.32 -4.78 -9.02
CA TYR A 189 -1.43 -5.01 -7.86
C TYR A 189 -1.95 -6.18 -7.05
N MET A 190 -3.11 -6.74 -7.40
CA MET A 190 -3.73 -7.85 -6.62
C MET A 190 -3.01 -9.16 -6.93
N ALA A 191 -2.74 -9.96 -5.90
CA ALA A 191 -2.15 -11.30 -6.08
C ALA A 191 -3.12 -12.14 -6.91
N PRO A 192 -2.57 -13.00 -7.81
CA PRO A 192 -3.38 -13.92 -8.62
C PRO A 192 -4.46 -14.68 -7.83
N GLU A 193 -4.07 -15.29 -6.71
CA GLU A 193 -4.96 -16.06 -5.83
C GLU A 193 -6.10 -15.18 -5.31
N VAL A 194 -5.88 -13.85 -5.20
CA VAL A 194 -6.95 -12.94 -4.72
C VAL A 194 -7.92 -12.69 -5.87
N ILE A 195 -7.42 -12.38 -7.07
CA ILE A 195 -8.28 -11.99 -8.23
C ILE A 195 -9.02 -13.24 -8.75
N MET A 196 -8.55 -14.44 -8.39
CA MET A 196 -9.19 -15.73 -8.77
C MET A 196 -9.90 -16.34 -7.55
N SER A 197 -10.20 -15.53 -6.53
CA SER A 197 -11.15 -15.84 -5.43
C SER A 197 -10.74 -17.17 -4.79
N GLN A 198 -9.46 -17.36 -4.47
CA GLN A 198 -8.94 -18.57 -3.79
C GLN A 198 -8.69 -18.29 -2.31
N HIS A 199 -8.14 -19.26 -1.57
CA HIS A 199 -7.72 -19.16 -0.14
C HIS A 199 -6.31 -18.58 -0.06
N TYR A 200 -6.17 -17.26 0.05
CA TYR A 200 -4.88 -16.53 0.10
C TYR A 200 -4.45 -16.30 1.55
N ASP A 201 -3.24 -15.79 1.72
CA ASP A 201 -2.65 -15.45 3.05
C ASP A 201 -1.82 -14.16 2.89
N GLY A 202 -0.85 -13.99 3.80
CA GLY A 202 0.07 -12.85 3.91
C GLY A 202 0.87 -12.69 2.65
N LYS A 203 1.00 -13.79 1.91
CA LYS A 203 1.80 -13.81 0.67
C LYS A 203 1.13 -12.94 -0.39
N ALA A 204 -0.15 -12.67 -0.31
CA ALA A 204 -0.83 -11.82 -1.29
C ALA A 204 -0.20 -10.42 -1.28
N ASP A 205 0.13 -9.92 -0.09
CA ASP A 205 0.83 -8.62 0.09
C ASP A 205 2.22 -8.70 -0.53
N LEU A 206 2.87 -9.86 -0.51
CA LEU A 206 4.25 -9.92 -1.06
C LEU A 206 4.20 -9.78 -2.59
N TRP A 207 3.18 -10.39 -3.24
CA TRP A 207 2.90 -10.19 -4.69
C TRP A 207 2.72 -8.69 -4.98
N SER A 208 1.81 -8.01 -4.27
CA SER A 208 1.52 -6.57 -4.42
C SER A 208 2.81 -5.73 -4.33
N ILE A 209 3.63 -5.95 -3.30
CA ILE A 209 4.92 -5.24 -3.10
C ILE A 209 5.82 -5.50 -4.31
N GLY A 210 5.88 -6.74 -4.79
CA GLY A 210 6.64 -7.11 -5.99
C GLY A 210 6.20 -6.28 -7.18
N THR A 211 4.90 -6.16 -7.38
CA THR A 211 4.38 -5.42 -8.56
C THR A 211 4.72 -3.95 -8.40
N ILE A 212 4.65 -3.41 -7.17
CA ILE A 212 4.92 -1.97 -6.90
C ILE A 212 6.41 -1.69 -7.15
N VAL A 213 7.28 -2.50 -6.60
CA VAL A 213 8.75 -2.34 -6.79
C VAL A 213 9.09 -2.48 -8.27
N TYR A 214 8.51 -3.46 -8.96
CA TYR A 214 8.74 -3.60 -10.43
C TYR A 214 8.36 -2.31 -11.17
N GLN A 215 7.22 -1.72 -10.83
CA GLN A 215 6.77 -0.47 -11.52
C GLN A 215 7.68 0.70 -11.13
N CYS A 216 8.14 0.78 -9.88
CA CYS A 216 9.16 1.75 -9.42
C CYS A 216 10.42 1.64 -10.29
N LEU A 217 10.89 0.42 -10.57
CA LEU A 217 12.16 0.18 -11.31
C LEU A 217 11.97 0.47 -12.80
N THR A 218 10.85 0.09 -13.40
CA THR A 218 10.73 0.06 -14.89
C THR A 218 9.74 1.12 -15.37
N GLY A 219 8.86 1.64 -14.52
CA GLY A 219 7.84 2.62 -14.92
C GLY A 219 6.56 1.95 -15.37
N LYS A 220 6.49 0.61 -15.45
CA LYS A 220 5.30 -0.11 -15.92
C LYS A 220 4.97 -1.26 -14.95
N ALA A 221 3.74 -1.74 -14.97
CA ALA A 221 3.28 -2.95 -14.24
C ALA A 221 3.90 -4.15 -14.93
N PRO A 222 4.24 -5.25 -14.22
CA PRO A 222 4.92 -6.39 -14.84
C PRO A 222 4.02 -7.19 -15.80
N PHE A 223 2.72 -7.25 -15.52
CA PHE A 223 1.70 -7.96 -16.33
C PHE A 223 0.55 -6.97 -16.61
N GLN A 224 0.68 -6.22 -17.71
CA GLN A 224 -0.24 -5.09 -18.00
C GLN A 224 -1.48 -5.63 -18.72
N ALA A 225 -2.64 -5.06 -18.40
CA ALA A 225 -3.95 -5.51 -18.87
C ALA A 225 -4.81 -4.29 -19.19
N SER A 226 -5.49 -4.32 -20.34
CA SER A 226 -6.55 -3.35 -20.69
C SER A 226 -7.62 -3.34 -19.59
N SER A 227 -7.94 -4.50 -19.01
CA SER A 227 -9.09 -4.66 -18.08
C SER A 227 -8.80 -5.71 -17.01
N PRO A 228 -9.48 -5.61 -15.84
CA PRO A 228 -9.49 -6.68 -14.85
C PRO A 228 -9.72 -8.08 -15.42
N GLN A 229 -10.81 -8.24 -16.18
CA GLN A 229 -11.25 -9.55 -16.72
C GLN A 229 -10.12 -10.14 -17.56
N ASP A 230 -9.42 -9.30 -18.32
CA ASP A 230 -8.22 -9.70 -19.10
C ASP A 230 -7.15 -10.20 -18.14
N LEU A 231 -6.81 -9.38 -17.14
CA LEU A 231 -5.79 -9.72 -16.11
C LEU A 231 -6.21 -11.04 -15.46
N ARG A 232 -7.48 -11.19 -15.12
CA ARG A 232 -8.01 -12.45 -14.50
C ARG A 232 -7.82 -13.63 -15.46
N LEU A 233 -8.06 -13.43 -16.77
CA LEU A 233 -7.90 -14.51 -17.79
C LEU A 233 -6.41 -14.82 -18.00
N PHE A 234 -5.57 -13.78 -18.00
CA PHE A 234 -4.10 -13.94 -18.16
C PHE A 234 -3.62 -14.89 -17.05
N TYR A 235 -4.02 -14.64 -15.79
CA TYR A 235 -3.52 -15.40 -14.63
C TYR A 235 -4.15 -16.79 -14.64
N GLU A 236 -5.37 -16.93 -15.17
CA GLU A 236 -6.07 -18.23 -15.36
C GLU A 236 -5.27 -19.13 -16.32
N LYS A 237 -4.93 -18.63 -17.51
CA LYS A 237 -4.21 -19.38 -18.57
C LYS A 237 -2.73 -19.57 -18.26
N ASN A 238 -2.07 -18.62 -17.59
CA ASN A 238 -0.59 -18.67 -17.38
C ASN A 238 -0.33 -19.25 -15.98
N LYS A 239 -0.04 -20.56 -15.93
CA LYS A 239 0.23 -21.29 -14.67
C LYS A 239 1.66 -20.99 -14.25
N THR A 240 2.46 -20.48 -15.17
CA THR A 240 3.82 -19.98 -14.88
C THR A 240 3.91 -18.54 -15.36
N LEU A 241 4.63 -17.71 -14.63
CA LEU A 241 4.84 -16.30 -15.00
C LEU A 241 6.31 -15.91 -14.81
N VAL A 242 6.97 -15.43 -15.84
CA VAL A 242 8.29 -14.78 -15.60
C VAL A 242 8.16 -13.32 -16.00
N PRO A 243 8.28 -12.38 -15.03
CA PRO A 243 8.32 -10.97 -15.38
C PRO A 243 9.63 -10.74 -16.13
N THR A 244 9.62 -9.80 -17.07
CA THR A 244 10.84 -9.35 -17.79
C THR A 244 11.58 -8.32 -16.95
N ILE A 245 12.72 -8.67 -16.38
CA ILE A 245 13.55 -7.73 -15.57
C ILE A 245 14.67 -7.16 -16.43
N PRO A 246 14.83 -5.83 -16.52
CA PRO A 246 15.93 -5.24 -17.29
C PRO A 246 17.28 -5.83 -16.83
N ARG A 247 18.14 -6.12 -17.80
CA ARG A 247 19.43 -6.78 -17.50
C ARG A 247 20.31 -5.88 -16.62
N GLU A 248 20.09 -4.56 -16.66
CA GLU A 248 20.92 -3.62 -15.86
C GLU A 248 20.58 -3.71 -14.36
N THR A 249 19.48 -4.37 -14.02
CA THR A 249 19.05 -4.47 -12.62
C THR A 249 20.14 -5.21 -11.80
N SER A 250 20.48 -4.72 -10.62
CA SER A 250 21.42 -5.40 -9.68
C SER A 250 20.93 -6.83 -9.43
N ALA A 251 21.85 -7.79 -9.23
CA ALA A 251 21.50 -9.20 -8.99
C ALA A 251 20.59 -9.32 -7.78
N PRO A 252 20.83 -8.64 -6.63
CA PRO A 252 19.92 -8.80 -5.49
C PRO A 252 18.48 -8.32 -5.79
N LEU A 253 18.32 -7.21 -6.50
CA LEU A 253 16.95 -6.73 -6.84
C LEU A 253 16.26 -7.67 -7.81
N ARG A 254 17.00 -8.21 -8.79
CA ARG A 254 16.46 -9.23 -9.75
C ARG A 254 16.00 -10.45 -8.96
N GLN A 255 16.88 -10.97 -8.10
CA GLN A 255 16.52 -12.15 -7.26
C GLN A 255 15.26 -11.84 -6.41
N LEU A 256 15.19 -10.69 -5.77
CA LEU A 256 14.01 -10.34 -4.92
C LEU A 256 12.73 -10.31 -5.78
N LEU A 257 12.78 -9.64 -6.92
CA LEU A 257 11.58 -9.52 -7.78
C LEU A 257 11.10 -10.89 -8.27
N LEU A 258 12.00 -11.79 -8.67
CA LEU A 258 11.62 -13.15 -9.13
C LEU A 258 11.00 -13.94 -7.98
N ALA A 259 11.46 -13.73 -6.74
CA ALA A 259 10.96 -14.44 -5.54
C ALA A 259 9.58 -13.93 -5.10
N LEU A 260 9.29 -12.64 -5.31
CA LEU A 260 7.99 -12.03 -4.94
C LEU A 260 6.95 -12.29 -6.05
N LEU A 261 7.37 -12.17 -7.32
CA LEU A 261 6.46 -12.30 -8.48
C LEU A 261 6.34 -13.77 -8.92
N GLN A 262 6.07 -14.64 -7.96
CA GLN A 262 5.73 -16.08 -8.21
C GLN A 262 4.21 -16.21 -8.24
N ARG A 263 3.72 -16.71 -9.37
CA ARG A 263 2.28 -16.88 -9.64
C ARG A 263 1.63 -17.69 -8.52
N ASN A 264 2.27 -18.78 -8.11
CA ASN A 264 1.73 -19.69 -7.07
C ASN A 264 2.28 -19.30 -5.71
N HIS A 265 1.42 -19.02 -4.73
CA HIS A 265 1.83 -18.56 -3.38
C HIS A 265 2.73 -19.59 -2.67
N LYS A 266 2.61 -20.88 -2.97
CA LYS A 266 3.49 -21.93 -2.40
C LYS A 266 4.95 -21.72 -2.82
N ASP A 267 5.18 -21.19 -4.01
CA ASP A 267 6.53 -20.89 -4.55
C ASP A 267 7.00 -19.48 -4.15
N ARG A 268 6.13 -18.63 -3.64
CA ARG A 268 6.46 -17.22 -3.37
C ARG A 268 7.21 -17.15 -2.05
N MET A 269 8.23 -16.33 -1.97
CA MET A 269 9.01 -16.16 -0.73
C MET A 269 8.03 -15.80 0.40
N ASP A 270 8.38 -16.14 1.63
CA ASP A 270 7.52 -15.79 2.77
C ASP A 270 8.02 -14.49 3.38
N PHE A 271 7.32 -13.99 4.39
CA PHE A 271 7.60 -12.66 4.95
C PHE A 271 9.03 -12.58 5.49
N ASP A 272 9.53 -13.58 6.20
CA ASP A 272 10.87 -13.53 6.84
C ASP A 272 11.93 -13.43 5.74
N GLU A 273 11.79 -14.21 4.68
CA GLU A 273 12.73 -14.18 3.52
C GLU A 273 12.75 -12.77 2.93
N PHE A 274 11.60 -12.14 2.78
CA PHE A 274 11.48 -10.76 2.21
C PHE A 274 12.18 -9.76 3.12
N PHE A 275 11.79 -9.77 4.39
CA PHE A 275 12.27 -8.79 5.39
C PHE A 275 13.80 -8.83 5.45
N HIS A 276 14.41 -10.01 5.41
CA HIS A 276 15.87 -10.21 5.53
C HIS A 276 16.52 -10.35 4.14
N HIS A 277 15.85 -10.03 3.04
CA HIS A 277 16.47 -10.23 1.70
C HIS A 277 17.70 -9.34 1.56
N PRO A 278 18.83 -9.85 0.98
CA PRO A 278 20.05 -9.06 0.83
C PRO A 278 19.88 -7.72 0.13
N PHE A 279 18.89 -7.60 -0.75
CA PHE A 279 18.65 -6.30 -1.41
C PHE A 279 18.42 -5.20 -0.36
N LEU A 280 17.69 -5.50 0.71
CA LEU A 280 17.31 -4.48 1.72
C LEU A 280 18.50 -4.05 2.58
N ASP A 281 19.60 -4.82 2.58
CA ASP A 281 20.81 -4.44 3.35
C ASP A 281 21.97 -4.08 2.41
N ALA A 282 21.81 -4.08 1.08
CA ALA A 282 22.92 -3.78 0.15
C ALA A 282 23.29 -2.29 0.24
N SER A 283 24.55 -1.97 -0.01
CA SER A 283 25.10 -0.59 0.11
C SER A 283 24.62 0.27 -1.06
N PRO A 284 24.24 1.55 -0.83
CA PRO A 284 24.04 2.49 -1.93
C PRO A 284 25.36 2.81 -2.67
#